data_7X4F
#
_entry.id   7X4F
#
_cell.length_a   60.507
_cell.length_b   60.507
_cell.length_c   100.588
_cell.angle_alpha   90.000
_cell.angle_beta   90.000
_cell.angle_gamma   120.000
#
_symmetry.space_group_name_H-M   'P 31'
#
loop_
_entity.id
_entity.type
_entity.pdbx_description
1 polymer 'Cyclic dipyrimidine nucleotide synthase'
2 non-polymer 'SULFATE ION'
3 water water
#
_entity_poly.entity_id   1
_entity_poly.type   'polypeptide(L)'
_entity_poly.pdbx_seq_one_letter_code
;MSIDWEQTFRKWSKPSSETESTKAENAERMIKAAINSSQILSTKDISVFPQGSYRNNTNVREDSDVDICVCLNTLVLSDY
SLVPGMNDKLAELRTASYTYKQFKSDLETALKNKFGTLGVSRGDKAFDVHANSYRVDADVVPAIQGRLYYDKNHNAFIRG
TCIKPDSGGTIYNWPEQNYSNGVNKNKSTGNRFKLIVRAIKRLRNHLAEKGYNTAKPIPSYLMECLVYIVPDQYFTGDSY
KTNVENCINYLYNQIDSSDWTEINEIKYLFGSHQMWNKTQVKEFLLTAWSYIQKNLEHHHHHH
;
_entity_poly.pdbx_strand_id   A
#
loop_
_chem_comp.id
_chem_comp.type
_chem_comp.name
_chem_comp.formula
SO4 non-polymer 'SULFATE ION' 'O4 S -2'
#
# COMPACT_ATOMS: atom_id res chain seq x y z
N SER A 2 -20.72 25.26 13.04
CA SER A 2 -20.34 25.50 11.66
C SER A 2 -18.91 25.06 11.41
N ILE A 3 -18.64 24.57 10.20
CA ILE A 3 -17.32 24.12 9.80
C ILE A 3 -17.06 24.60 8.38
N ASP A 4 -15.98 25.35 8.17
CA ASP A 4 -15.53 25.74 6.85
C ASP A 4 -14.85 24.53 6.22
N TRP A 5 -15.65 23.73 5.50
CA TRP A 5 -15.12 22.47 4.98
C TRP A 5 -14.10 22.69 3.87
N GLU A 6 -14.21 23.79 3.14
CA GLU A 6 -13.16 24.13 2.18
C GLU A 6 -11.82 24.33 2.90
N GLN A 7 -11.83 25.15 3.94
CA GLN A 7 -10.62 25.39 4.73
C GLN A 7 -10.13 24.11 5.41
N THR A 8 -11.06 23.31 5.95
CA THR A 8 -10.66 22.09 6.64
C THR A 8 -10.05 21.08 5.67
N PHE A 9 -10.60 20.97 4.46
CA PHE A 9 -10.04 20.05 3.48
C PHE A 9 -8.71 20.55 2.94
N ARG A 10 -8.54 21.87 2.85
CA ARG A 10 -7.24 22.39 2.41
C ARG A 10 -6.19 22.19 3.48
N LYS A 11 -6.56 22.29 4.75
CA LYS A 11 -5.60 22.02 5.83
C LYS A 11 -5.31 20.52 5.92
N TRP A 12 -6.31 19.69 5.68
CA TRP A 12 -6.13 18.24 5.72
C TRP A 12 -5.41 17.70 4.50
N SER A 13 -5.20 18.50 3.47
CA SER A 13 -4.48 18.07 2.28
C SER A 13 -2.97 18.29 2.40
N LYS A 14 -2.52 18.93 3.47
CA LYS A 14 -1.11 19.24 3.63
C LYS A 14 -0.29 17.95 3.73
N PRO A 15 0.86 17.88 3.06
CA PRO A 15 1.74 16.72 3.23
C PRO A 15 2.51 16.77 4.54
N SER A 16 3.54 15.94 4.66
CA SER A 16 4.33 15.87 5.89
C SER A 16 5.54 16.79 5.85
N SER A 21 9.69 13.95 5.14
CA SER A 21 10.26 13.50 3.87
C SER A 21 11.36 12.48 4.13
N THR A 22 12.04 12.61 5.27
CA THR A 22 13.20 11.81 5.60
C THR A 22 12.87 10.56 6.41
N LYS A 23 11.62 10.39 6.82
CA LYS A 23 11.25 9.24 7.64
C LYS A 23 11.44 7.94 6.85
N ALA A 24 10.89 7.88 5.65
CA ALA A 24 11.02 6.69 4.82
C ALA A 24 12.48 6.43 4.46
N GLU A 25 13.22 7.49 4.13
CA GLU A 25 14.62 7.32 3.78
C GLU A 25 15.42 6.76 4.95
N ASN A 26 15.19 7.30 6.16
CA ASN A 26 15.89 6.80 7.34
C ASN A 26 15.55 5.35 7.61
N ALA A 27 14.27 4.99 7.49
CA ALA A 27 13.87 3.60 7.70
C ALA A 27 14.58 2.69 6.71
N GLU A 28 14.57 3.07 5.43
CA GLU A 28 15.24 2.26 4.41
C GLU A 28 16.72 2.11 4.72
N ARG A 29 17.38 3.21 5.08
CA ARG A 29 18.81 3.16 5.33
C ARG A 29 19.14 2.27 6.52
N MET A 30 18.34 2.35 7.58
CA MET A 30 18.63 1.56 8.78
C MET A 30 18.35 0.08 8.55
N ILE A 31 17.26 -0.26 7.84
CA ILE A 31 17.01 -1.66 7.53
C ILE A 31 18.10 -2.20 6.60
N LYS A 32 18.54 -1.37 5.64
CA LYS A 32 19.60 -1.79 4.75
C LYS A 32 20.89 -2.03 5.50
N ALA A 33 21.19 -1.18 6.49
CA ALA A 33 22.39 -1.40 7.30
C ALA A 33 22.26 -2.65 8.14
N ALA A 34 21.05 -2.93 8.66
CA ALA A 34 20.84 -4.18 9.38
C ALA A 34 21.10 -5.38 8.49
N ILE A 35 20.76 -5.29 7.21
CA ILE A 35 20.99 -6.40 6.30
C ILE A 35 22.47 -6.50 5.95
N ASN A 36 23.12 -5.37 5.69
CA ASN A 36 24.53 -5.37 5.29
C ASN A 36 25.45 -5.88 6.37
N SER A 37 25.03 -5.81 7.64
CA SER A 37 25.81 -6.37 8.73
C SER A 37 25.55 -7.86 8.95
N SER A 38 24.60 -8.44 8.23
CA SER A 38 24.37 -9.88 8.27
C SER A 38 25.29 -10.57 7.27
N GLN A 39 26.05 -11.55 7.76
CA GLN A 39 27.04 -12.21 6.90
C GLN A 39 26.37 -12.90 5.71
N ILE A 40 25.26 -13.60 5.96
CA ILE A 40 24.64 -14.36 4.89
C ILE A 40 23.82 -13.46 3.97
N LEU A 41 23.18 -12.43 4.52
CA LEU A 41 22.31 -11.57 3.72
C LEU A 41 23.07 -10.51 2.94
N SER A 42 24.29 -10.16 3.36
CA SER A 42 25.05 -9.13 2.65
C SER A 42 25.50 -9.58 1.27
N THR A 43 25.60 -10.89 1.03
CA THR A 43 25.99 -11.40 -0.28
C THR A 43 24.79 -11.64 -1.20
N LYS A 44 23.58 -11.57 -0.67
CA LYS A 44 22.39 -11.87 -1.47
C LYS A 44 21.96 -10.65 -2.29
N ASP A 45 21.23 -10.92 -3.37
CA ASP A 45 20.65 -9.88 -4.21
C ASP A 45 19.34 -9.44 -3.54
N ILE A 46 19.43 -8.39 -2.72
CA ILE A 46 18.31 -7.93 -1.91
C ILE A 46 18.10 -6.44 -2.15
N SER A 47 16.84 -6.05 -2.35
CA SER A 47 16.46 -4.64 -2.48
C SER A 47 15.66 -4.22 -1.25
N VAL A 48 15.91 -3.00 -0.78
CA VAL A 48 15.20 -2.44 0.35
C VAL A 48 14.61 -1.12 -0.09
N PHE A 49 13.28 -0.99 0.03
CA PHE A 49 12.66 0.22 -0.49
C PHE A 49 11.35 0.47 0.24
N PRO A 50 10.93 1.72 0.37
CA PRO A 50 9.62 1.99 0.97
C PRO A 50 8.50 1.60 0.01
N GLN A 51 7.35 1.32 0.60
CA GLN A 51 6.11 1.11 -0.14
C GLN A 51 4.99 1.76 0.66
N GLY A 52 3.76 1.60 0.18
CA GLY A 52 2.63 2.13 0.92
C GLY A 52 2.56 3.65 0.87
N SER A 53 1.99 4.23 1.94
CA SER A 53 1.66 5.65 1.93
C SER A 53 2.90 6.52 1.92
N TYR A 54 3.92 6.17 2.71
CA TYR A 54 5.13 6.98 2.77
C TYR A 54 5.85 6.98 1.42
N ARG A 55 5.82 5.87 0.71
CA ARG A 55 6.34 5.84 -0.66
C ARG A 55 5.51 6.70 -1.58
N ASN A 56 4.18 6.59 -1.49
CA ASN A 56 3.27 7.29 -2.38
C ASN A 56 2.99 8.73 -1.95
N ASN A 57 3.62 9.20 -0.88
CA ASN A 57 3.42 10.56 -0.38
C ASN A 57 1.96 10.81 -0.05
N THR A 58 1.28 9.78 0.47
CA THR A 58 -0.11 9.89 0.88
C THR A 58 -0.29 9.67 2.36
N ASN A 59 0.80 9.57 3.11
CA ASN A 59 0.72 9.42 4.57
C ASN A 59 0.18 10.69 5.22
N VAL A 60 -0.68 10.52 6.22
CA VAL A 60 -1.33 11.65 6.88
C VAL A 60 -1.19 11.60 8.40
N ARG A 61 -0.83 10.46 8.98
CA ARG A 61 -0.70 10.31 10.43
C ARG A 61 0.76 10.45 10.82
N GLU A 62 1.03 11.34 11.77
CA GLU A 62 2.40 11.66 12.15
C GLU A 62 3.09 10.49 12.84
N ASP A 63 2.33 9.62 13.50
CA ASP A 63 2.88 8.52 14.28
C ASP A 63 2.68 7.16 13.62
N SER A 64 2.40 7.13 12.32
CA SER A 64 2.21 5.87 11.62
C SER A 64 3.56 5.27 11.22
N ASP A 65 3.57 3.96 11.06
CA ASP A 65 4.79 3.24 10.72
C ASP A 65 5.11 3.37 9.23
N VAL A 66 6.39 3.26 8.90
CA VAL A 66 6.83 3.28 7.51
C VAL A 66 6.85 1.86 6.98
N ASP A 67 6.20 1.65 5.84
CA ASP A 67 6.16 0.34 5.20
C ASP A 67 7.44 0.16 4.38
N ILE A 68 8.30 -0.75 4.82
CA ILE A 68 9.57 -1.03 4.16
C ILE A 68 9.52 -2.46 3.64
N CYS A 69 9.89 -2.65 2.38
CA CYS A 69 9.94 -3.96 1.75
C CYS A 69 11.40 -4.37 1.58
N VAL A 70 11.70 -5.58 2.02
CA VAL A 70 13.00 -6.21 1.83
C VAL A 70 12.76 -7.39 0.90
N CYS A 71 13.16 -7.24 -0.37
CA CYS A 71 12.85 -8.21 -1.41
C CYS A 71 14.11 -8.95 -1.81
N LEU A 72 14.10 -10.27 -1.62
CA LEU A 72 15.14 -11.15 -2.16
C LEU A 72 14.83 -11.38 -3.63
N ASN A 73 15.57 -10.72 -4.51
CA ASN A 73 15.22 -10.69 -5.93
C ASN A 73 15.48 -12.01 -6.65
N THR A 74 16.34 -12.87 -6.11
CA THR A 74 16.72 -14.08 -6.83
C THR A 74 15.81 -15.27 -6.56
N LEU A 75 14.86 -15.15 -5.64
CA LEU A 75 13.79 -16.14 -5.48
C LEU A 75 12.56 -15.63 -6.21
N VAL A 76 11.98 -16.49 -7.05
CA VAL A 76 10.90 -16.10 -7.95
C VAL A 76 9.68 -16.98 -7.71
N LEU A 77 8.51 -16.36 -7.62
CA LEU A 77 7.24 -17.08 -7.56
C LEU A 77 6.33 -16.47 -8.62
N SER A 78 5.77 -17.32 -9.48
CA SER A 78 5.08 -16.86 -10.68
C SER A 78 3.60 -17.24 -10.65
N ASP A 79 2.77 -16.31 -11.11
CA ASP A 79 1.34 -16.51 -11.28
C ASP A 79 1.10 -16.84 -12.74
N TYR A 80 0.71 -18.08 -13.02
CA TYR A 80 0.47 -18.55 -14.38
C TYR A 80 -1.01 -18.62 -14.74
N SER A 81 -1.88 -18.03 -13.92
CA SER A 81 -3.32 -18.22 -14.09
C SER A 81 -3.85 -17.66 -15.41
N LEU A 82 -3.17 -16.68 -16.00
CA LEU A 82 -3.69 -16.00 -17.18
C LEU A 82 -3.27 -16.63 -18.49
N VAL A 83 -2.24 -17.48 -18.48
CA VAL A 83 -1.65 -18.01 -19.70
C VAL A 83 -1.71 -19.54 -19.63
N PRO A 84 -2.65 -20.16 -20.34
CA PRO A 84 -2.67 -21.62 -20.41
C PRO A 84 -1.39 -22.14 -21.07
N GLY A 85 -0.76 -23.10 -20.39
CA GLY A 85 0.46 -23.72 -20.87
C GLY A 85 1.73 -23.18 -20.25
N MET A 86 1.66 -22.01 -19.62
CA MET A 86 2.85 -21.41 -19.02
C MET A 86 3.17 -22.09 -17.70
N ASN A 87 4.46 -22.37 -17.49
CA ASN A 87 4.91 -23.13 -16.32
C ASN A 87 6.33 -22.72 -15.98
N ASP A 88 6.93 -23.43 -15.01
CA ASP A 88 8.30 -23.13 -14.60
C ASP A 88 9.29 -23.44 -15.72
N LYS A 89 9.03 -24.49 -16.50
CA LYS A 89 9.95 -24.88 -17.56
C LYS A 89 10.06 -23.78 -18.63
N LEU A 90 8.92 -23.34 -19.16
CA LEU A 90 8.92 -22.30 -20.17
C LEU A 90 9.42 -20.97 -19.60
N ALA A 91 9.13 -20.70 -18.33
CA ALA A 91 9.58 -19.47 -17.69
C ALA A 91 11.05 -19.51 -17.29
N GLU A 92 11.73 -20.63 -17.51
CA GLU A 92 13.14 -20.80 -17.17
C GLU A 92 13.39 -20.56 -15.68
N LEU A 93 12.55 -21.16 -14.84
CA LEU A 93 12.72 -21.06 -13.40
C LEU A 93 13.79 -22.04 -12.96
N ARG A 94 14.82 -21.52 -12.30
CA ARG A 94 15.89 -22.34 -11.75
C ARG A 94 15.53 -22.77 -10.33
N THR A 95 15.91 -24.00 -9.99
CA THR A 95 15.72 -24.48 -8.63
C THR A 95 16.79 -23.87 -7.72
N ALA A 96 16.41 -23.55 -6.50
CA ALA A 96 17.30 -22.89 -5.56
C ALA A 96 17.27 -23.61 -4.22
N SER A 97 18.43 -23.61 -3.55
CA SER A 97 18.52 -24.18 -2.22
C SER A 97 17.94 -23.24 -1.17
N TYR A 98 18.27 -21.96 -1.26
CA TYR A 98 17.79 -20.97 -0.29
C TYR A 98 16.29 -20.79 -0.44
N THR A 99 15.57 -20.92 0.66
CA THR A 99 14.11 -20.89 0.66
C THR A 99 13.61 -19.61 1.32
N TYR A 100 12.29 -19.39 1.18
CA TYR A 100 11.68 -18.19 1.75
C TYR A 100 11.74 -18.20 3.27
N LYS A 101 11.54 -19.36 3.89
CA LYS A 101 11.57 -19.43 5.35
C LYS A 101 12.96 -19.12 5.88
N GLN A 102 14.00 -19.64 5.23
CA GLN A 102 15.36 -19.33 5.64
C GLN A 102 15.66 -17.84 5.48
N PHE A 103 15.19 -17.24 4.39
CA PHE A 103 15.37 -15.81 4.18
C PHE A 103 14.67 -15.00 5.26
N LYS A 104 13.44 -15.36 5.61
CA LYS A 104 12.71 -14.63 6.64
C LYS A 104 13.38 -14.80 8.00
N SER A 105 13.86 -16.00 8.32
CA SER A 105 14.52 -16.23 9.61
C SER A 105 15.83 -15.47 9.69
N ASP A 106 16.60 -15.44 8.60
CA ASP A 106 17.84 -14.68 8.60
C ASP A 106 17.58 -13.19 8.72
N LEU A 107 16.52 -12.70 8.08
CA LEU A 107 16.17 -11.29 8.23
C LEU A 107 15.75 -10.98 9.65
N GLU A 108 14.99 -11.88 10.28
CA GLU A 108 14.65 -11.70 11.69
C GLU A 108 15.90 -11.62 12.55
N THR A 109 16.87 -12.52 12.30
CA THR A 109 18.12 -12.49 13.06
C THR A 109 18.86 -11.17 12.87
N ALA A 110 18.93 -10.68 11.62
CA ALA A 110 19.65 -9.43 11.36
C ALA A 110 18.95 -8.23 12.00
N LEU A 111 17.61 -8.22 11.95
CA LEU A 111 16.86 -7.14 12.58
C LEU A 111 17.07 -7.14 14.08
N LYS A 112 17.05 -8.33 14.71
CA LYS A 112 17.32 -8.40 16.14
C LYS A 112 18.75 -7.97 16.46
N ASN A 113 19.69 -8.28 15.56
CA ASN A 113 21.08 -7.89 15.81
C ASN A 113 21.25 -6.38 15.79
N LYS A 114 20.63 -5.69 14.83
CA LYS A 114 20.85 -4.25 14.78
C LYS A 114 19.97 -3.50 15.78
N PHE A 115 18.69 -3.84 15.87
CA PHE A 115 17.73 -3.05 16.63
C PHE A 115 17.41 -3.64 18.00
N GLY A 116 17.90 -4.84 18.32
CA GLY A 116 17.60 -5.46 19.60
C GLY A 116 16.31 -6.25 19.57
N THR A 117 16.27 -7.36 20.31
CA THR A 117 15.11 -8.24 20.28
C THR A 117 13.85 -7.55 20.79
N LEU A 118 14.01 -6.59 21.71
CA LEU A 118 12.84 -5.93 22.28
C LEU A 118 12.12 -5.06 21.26
N GLY A 119 12.83 -4.60 20.23
CA GLY A 119 12.26 -3.77 19.20
C GLY A 119 11.81 -4.48 17.95
N VAL A 120 11.95 -5.80 17.89
CA VAL A 120 11.59 -6.58 16.71
C VAL A 120 10.56 -7.62 17.11
N SER A 121 9.42 -7.63 16.42
CA SER A 121 8.35 -8.57 16.69
C SER A 121 7.94 -9.24 15.38
N ARG A 122 7.85 -10.57 15.40
CA ARG A 122 7.53 -11.34 14.20
C ARG A 122 6.02 -11.51 14.08
N GLY A 123 5.45 -11.04 12.97
CA GLY A 123 4.06 -11.22 12.67
C GLY A 123 3.84 -12.25 11.58
N ASP A 124 2.59 -12.34 11.13
CA ASP A 124 2.25 -13.30 10.08
C ASP A 124 2.93 -12.94 8.77
N LYS A 125 2.87 -11.66 8.39
CA LYS A 125 3.40 -11.18 7.13
C LYS A 125 4.67 -10.36 7.26
N ALA A 126 4.75 -9.47 8.25
CA ALA A 126 5.86 -8.52 8.35
C ALA A 126 6.46 -8.59 9.75
N PHE A 127 7.55 -7.84 9.93
CA PHE A 127 8.16 -7.61 11.23
C PHE A 127 7.83 -6.21 11.70
N ASP A 128 7.43 -6.10 12.96
CA ASP A 128 7.17 -4.82 13.61
C ASP A 128 8.47 -4.37 14.27
N VAL A 129 9.07 -3.30 13.74
CA VAL A 129 10.37 -2.82 14.19
C VAL A 129 10.20 -1.45 14.81
N HIS A 130 10.70 -1.28 16.04
CA HIS A 130 10.66 0.00 16.74
C HIS A 130 11.94 0.15 17.53
N ALA A 131 12.78 1.10 17.10
CA ALA A 131 14.06 1.38 17.76
C ALA A 131 14.23 2.89 17.80
N ASN A 132 14.11 3.47 18.99
CA ASN A 132 14.23 4.92 19.11
C ASN A 132 15.66 5.39 18.88
N SER A 133 16.65 4.54 19.17
CA SER A 133 18.05 4.91 18.96
C SER A 133 18.34 5.23 17.50
N TYR A 134 17.63 4.59 16.57
CA TYR A 134 17.78 4.86 15.15
C TYR A 134 16.57 5.53 14.56
N ARG A 135 15.60 5.94 15.39
CA ARG A 135 14.38 6.60 14.95
C ARG A 135 13.64 5.77 13.91
N VAL A 136 13.56 4.47 14.14
CA VAL A 136 12.96 3.53 13.20
C VAL A 136 11.63 3.05 13.76
N ASP A 137 10.54 3.32 13.04
CA ASP A 137 9.21 2.79 13.33
C ASP A 137 8.71 2.23 12.01
N ALA A 138 8.90 0.93 11.79
CA ALA A 138 8.70 0.36 10.47
C ALA A 138 7.95 -0.95 10.54
N ASP A 139 7.21 -1.22 9.46
CA ASP A 139 6.64 -2.52 9.15
C ASP A 139 7.50 -3.07 8.01
N VAL A 140 8.37 -4.02 8.32
CA VAL A 140 9.36 -4.52 7.39
C VAL A 140 8.87 -5.86 6.84
N VAL A 141 8.53 -5.90 5.56
CA VAL A 141 7.92 -7.05 4.92
C VAL A 141 9.01 -7.82 4.17
N PRO A 142 9.24 -9.09 4.50
CA PRO A 142 10.12 -9.93 3.66
C PRO A 142 9.35 -10.44 2.45
N ALA A 143 9.92 -10.21 1.26
CA ALA A 143 9.27 -10.58 0.02
C ALA A 143 10.28 -11.18 -0.93
N ILE A 144 9.78 -11.83 -1.98
CA ILE A 144 10.60 -12.32 -3.07
C ILE A 144 10.02 -11.77 -4.38
N GLN A 145 10.73 -12.02 -5.47
CA GLN A 145 10.26 -11.54 -6.76
C GLN A 145 9.01 -12.31 -7.19
N GLY A 146 7.92 -11.59 -7.42
CA GLY A 146 6.68 -12.17 -7.91
C GLY A 146 6.46 -11.77 -9.36
N ARG A 147 5.89 -12.70 -10.13
CA ARG A 147 5.67 -12.48 -11.55
C ARG A 147 4.24 -12.82 -11.93
N LEU A 148 3.67 -12.01 -12.82
CA LEU A 148 2.36 -12.28 -13.42
C LEU A 148 2.55 -12.32 -14.93
N TYR A 149 2.50 -13.53 -15.50
CA TYR A 149 2.75 -13.68 -16.92
C TYR A 149 1.51 -13.34 -17.74
N TYR A 150 1.73 -12.73 -18.90
CA TYR A 150 0.65 -12.39 -19.83
C TYR A 150 0.86 -13.02 -21.20
N ASP A 151 1.85 -13.89 -21.36
CA ASP A 151 2.12 -14.55 -22.63
C ASP A 151 3.08 -15.71 -22.37
N LYS A 152 3.03 -16.71 -23.25
CA LYS A 152 3.91 -17.87 -23.14
C LYS A 152 5.31 -17.48 -23.64
N ASN A 153 6.02 -16.74 -22.80
CA ASN A 153 7.36 -16.27 -23.09
C ASN A 153 8.02 -15.92 -21.77
N HIS A 154 9.27 -16.33 -21.59
CA HIS A 154 9.90 -16.26 -20.27
C HIS A 154 10.12 -14.83 -19.79
N ASN A 155 9.95 -13.83 -20.66
CA ASN A 155 10.04 -12.43 -20.24
C ASN A 155 8.71 -11.70 -20.21
N ALA A 156 7.63 -12.30 -20.72
CA ALA A 156 6.35 -11.62 -20.84
C ALA A 156 5.60 -11.70 -19.50
N PHE A 157 6.10 -10.92 -18.54
CA PHE A 157 5.49 -10.88 -17.21
C PHE A 157 5.60 -9.49 -16.63
N ILE A 158 4.69 -9.19 -15.70
CA ILE A 158 4.77 -8.02 -14.85
C ILE A 158 5.44 -8.41 -13.54
N ARG A 159 6.39 -7.60 -13.08
CA ARG A 159 7.20 -7.92 -11.92
C ARG A 159 6.74 -7.12 -10.71
N GLY A 160 6.58 -7.79 -9.59
CA GLY A 160 6.26 -7.17 -8.32
C GLY A 160 6.85 -7.98 -7.21
N THR A 161 6.22 -7.93 -6.04
CA THR A 161 6.70 -8.67 -4.89
C THR A 161 5.70 -9.75 -4.51
N CYS A 162 6.20 -10.76 -3.80
CA CYS A 162 5.43 -11.92 -3.38
C CYS A 162 5.75 -12.24 -1.94
N ILE A 163 4.71 -12.37 -1.12
CA ILE A 163 4.84 -12.61 0.31
C ILE A 163 4.20 -13.95 0.62
N LYS A 164 4.88 -14.74 1.47
CA LYS A 164 4.39 -16.03 1.94
C LYS A 164 4.18 -15.94 3.44
N PRO A 165 2.97 -15.63 3.90
CA PRO A 165 2.74 -15.51 5.34
C PRO A 165 3.03 -16.80 6.08
N ASP A 166 3.38 -16.65 7.36
CA ASP A 166 3.63 -17.82 8.20
C ASP A 166 2.43 -18.75 8.27
N SER A 167 1.21 -18.19 8.22
CA SER A 167 -0.02 -18.97 8.28
C SER A 167 -0.41 -19.60 6.95
N GLY A 168 0.50 -19.62 5.98
CA GLY A 168 0.22 -20.22 4.69
C GLY A 168 -0.39 -19.24 3.70
N GLY A 169 -0.50 -19.71 2.46
CA GLY A 169 -1.04 -18.90 1.39
C GLY A 169 0.01 -18.07 0.69
N THR A 170 -0.44 -17.37 -0.34
CA THR A 170 0.43 -16.52 -1.14
C THR A 170 -0.22 -15.15 -1.27
N ILE A 171 0.61 -14.11 -1.36
CA ILE A 171 0.15 -12.74 -1.55
C ILE A 171 1.04 -12.08 -2.59
N TYR A 172 0.42 -11.31 -3.48
CA TYR A 172 1.14 -10.55 -4.49
C TYR A 172 0.93 -9.07 -4.24
N ASN A 173 2.02 -8.32 -4.24
CA ASN A 173 1.99 -6.86 -4.16
C ASN A 173 2.64 -6.27 -5.40
N TRP A 174 2.23 -5.05 -5.72
CA TRP A 174 2.75 -4.31 -6.87
C TRP A 174 3.10 -2.90 -6.42
N PRO A 175 4.12 -2.75 -5.56
CA PRO A 175 4.41 -1.41 -5.01
C PRO A 175 4.89 -0.42 -6.05
N GLU A 176 5.76 -0.84 -6.97
CA GLU A 176 6.23 0.06 -8.01
C GLU A 176 5.08 0.53 -8.90
N GLN A 177 4.16 -0.38 -9.23
CA GLN A 177 3.03 0.00 -10.06
C GLN A 177 2.10 0.96 -9.32
N ASN A 178 1.82 0.68 -8.03
CA ASN A 178 1.07 1.62 -7.20
C ASN A 178 1.69 3.00 -7.26
N TYR A 179 3.01 3.07 -7.02
CA TYR A 179 3.69 4.35 -6.99
C TYR A 179 3.58 5.07 -8.32
N SER A 180 3.91 4.39 -9.41
CA SER A 180 3.96 5.07 -10.70
C SER A 180 2.56 5.48 -11.18
N ASN A 181 1.55 4.66 -10.89
CA ASN A 181 0.18 5.04 -11.26
C ASN A 181 -0.28 6.24 -10.45
N GLY A 182 0.03 6.27 -9.15
CA GLY A 182 -0.28 7.46 -8.36
C GLY A 182 0.43 8.68 -8.87
N VAL A 183 1.70 8.53 -9.27
CA VAL A 183 2.47 9.66 -9.80
C VAL A 183 1.84 10.18 -11.08
N ASN A 184 1.44 9.28 -11.98
CA ASN A 184 0.84 9.71 -13.24
C ASN A 184 -0.51 10.38 -13.02
N LYS A 185 -1.34 9.83 -12.12
CA LYS A 185 -2.62 10.48 -11.87
C LYS A 185 -2.44 11.84 -11.19
N ASN A 186 -1.44 11.96 -10.32
CA ASN A 186 -1.15 13.26 -9.74
C ASN A 186 -0.65 14.24 -10.79
N LYS A 187 0.09 13.75 -11.78
CA LYS A 187 0.53 14.61 -12.87
C LYS A 187 -0.64 15.12 -13.70
N SER A 188 -1.52 14.20 -14.13
CA SER A 188 -2.62 14.58 -15.01
C SER A 188 -3.72 15.37 -14.30
N THR A 189 -3.68 15.48 -12.97
CA THR A 189 -4.66 16.26 -12.22
C THR A 189 -4.05 17.49 -11.57
N GLY A 190 -2.81 17.86 -11.93
CA GLY A 190 -2.19 19.03 -11.35
C GLY A 190 -1.89 18.90 -9.87
N ASN A 191 -1.51 17.71 -9.42
CA ASN A 191 -1.19 17.38 -8.03
C ASN A 191 -2.40 17.44 -7.11
N ARG A 192 -3.61 17.51 -7.65
CA ARG A 192 -4.82 17.53 -6.82
C ARG A 192 -5.21 16.15 -6.33
N PHE A 193 -4.79 15.10 -7.03
CA PHE A 193 -5.19 13.74 -6.67
C PHE A 193 -4.70 13.36 -5.28
N LYS A 194 -3.39 13.51 -5.03
CA LYS A 194 -2.85 13.14 -3.72
C LYS A 194 -3.31 14.09 -2.62
N LEU A 195 -3.55 15.36 -2.96
CA LEU A 195 -4.13 16.29 -1.99
C LEU A 195 -5.50 15.79 -1.53
N ILE A 196 -6.36 15.41 -2.48
CA ILE A 196 -7.69 14.91 -2.12
C ILE A 196 -7.58 13.57 -1.41
N VAL A 197 -6.58 12.74 -1.76
CA VAL A 197 -6.37 11.48 -1.05
C VAL A 197 -6.09 11.76 0.42
N ARG A 198 -5.16 12.68 0.69
CA ARG A 198 -4.85 13.03 2.07
C ARG A 198 -6.07 13.59 2.78
N ALA A 199 -6.80 14.49 2.11
CA ALA A 199 -7.97 15.11 2.73
C ALA A 199 -9.02 14.07 3.11
N ILE A 200 -9.31 13.14 2.20
CA ILE A 200 -10.34 12.14 2.47
C ILE A 200 -9.86 11.14 3.52
N LYS A 201 -8.57 10.80 3.52
CA LYS A 201 -8.07 9.91 4.55
C LYS A 201 -8.19 10.55 5.92
N ARG A 202 -7.86 11.84 6.03
CA ARG A 202 -8.01 12.51 7.31
C ARG A 202 -9.48 12.70 7.68
N LEU A 203 -10.35 12.84 6.69
CA LEU A 203 -11.79 12.84 6.98
C LEU A 203 -12.22 11.51 7.58
N ARG A 204 -11.74 10.40 7.01
CA ARG A 204 -12.07 9.09 7.56
C ARG A 204 -11.53 8.94 8.98
N ASN A 205 -10.30 9.39 9.21
CA ASN A 205 -9.73 9.30 10.56
C ASN A 205 -10.54 10.14 11.55
N HIS A 206 -10.93 11.35 11.15
CA HIS A 206 -11.75 12.20 12.00
C HIS A 206 -13.08 11.54 12.33
N LEU A 207 -13.69 10.88 11.35
CA LEU A 207 -14.96 10.20 11.61
C LEU A 207 -14.77 8.99 12.51
N ALA A 208 -13.67 8.26 12.34
CA ALA A 208 -13.42 7.08 13.16
C ALA A 208 -13.16 7.47 14.61
N GLU A 209 -12.42 8.57 14.83
CA GLU A 209 -12.16 9.00 16.19
C GLU A 209 -13.41 9.52 16.87
N LYS A 210 -14.38 10.01 16.11
CA LYS A 210 -15.62 10.52 16.68
C LYS A 210 -16.70 9.45 16.81
N GLY A 211 -16.34 8.18 16.60
CA GLY A 211 -17.23 7.08 16.92
C GLY A 211 -18.05 6.54 15.76
N TYR A 212 -17.87 7.04 14.55
CA TYR A 212 -18.64 6.56 13.40
C TYR A 212 -18.12 5.18 12.99
N ASN A 213 -18.93 4.14 13.22
CA ASN A 213 -18.47 2.78 12.97
C ASN A 213 -18.18 2.51 11.50
N THR A 214 -18.86 3.22 10.60
CA THR A 214 -18.66 3.00 9.16
C THR A 214 -17.25 3.36 8.71
N ALA A 215 -16.55 4.21 9.44
CA ALA A 215 -15.19 4.60 9.07
C ALA A 215 -14.13 3.64 9.58
N LYS A 216 -14.49 2.76 10.52
CA LYS A 216 -13.51 1.83 11.10
C LYS A 216 -12.94 0.85 10.09
N PRO A 217 -13.72 0.16 9.26
CA PRO A 217 -13.13 -0.87 8.39
C PRO A 217 -12.68 -0.35 7.03
N ILE A 218 -12.33 0.93 6.95
CA ILE A 218 -11.86 1.51 5.69
C ILE A 218 -10.40 1.94 5.86
N PRO A 219 -9.42 1.06 5.58
CA PRO A 219 -8.02 1.43 5.78
C PRO A 219 -7.49 2.40 4.72
N SER A 220 -6.21 2.78 4.88
CA SER A 220 -5.64 3.84 4.06
C SER A 220 -5.51 3.43 2.60
N TYR A 221 -5.00 2.22 2.37
CA TYR A 221 -4.77 1.75 1.01
C TYR A 221 -6.08 1.65 0.23
N LEU A 222 -7.15 1.22 0.90
CA LEU A 222 -8.46 1.18 0.25
C LEU A 222 -8.90 2.57 -0.16
N MET A 223 -8.68 3.57 0.71
CA MET A 223 -9.03 4.94 0.36
C MET A 223 -8.23 5.42 -0.85
N GLU A 224 -6.94 5.13 -0.87
CA GLU A 224 -6.10 5.55 -2.00
C GLU A 224 -6.59 4.91 -3.30
N CYS A 225 -6.89 3.60 -3.26
CA CYS A 225 -7.43 2.94 -4.46
C CYS A 225 -8.74 3.58 -4.91
N LEU A 226 -9.67 3.79 -3.97
CA LEU A 226 -10.97 4.35 -4.30
C LEU A 226 -10.84 5.73 -4.94
N VAL A 227 -10.00 6.59 -4.34
CA VAL A 227 -9.84 7.94 -4.90
C VAL A 227 -9.13 7.89 -6.24
N TYR A 228 -8.21 6.93 -6.43
CA TYR A 228 -7.56 6.77 -7.72
C TYR A 228 -8.54 6.38 -8.81
N ILE A 229 -9.60 5.66 -8.45
CA ILE A 229 -10.57 5.23 -9.45
C ILE A 229 -11.37 6.41 -10.00
N VAL A 230 -11.57 7.45 -9.20
CA VAL A 230 -12.40 8.58 -9.63
C VAL A 230 -11.76 9.26 -10.83
N PRO A 231 -12.50 9.49 -11.92
CA PRO A 231 -11.90 10.08 -13.12
C PRO A 231 -11.34 11.47 -12.86
N ASP A 232 -10.39 11.86 -13.73
CA ASP A 232 -9.64 13.10 -13.51
C ASP A 232 -10.53 14.33 -13.59
N GLN A 233 -11.60 14.27 -14.39
CA GLN A 233 -12.45 15.45 -14.58
C GLN A 233 -13.01 15.97 -13.27
N TYR A 234 -13.15 15.11 -12.26
CA TYR A 234 -13.74 15.52 -10.99
C TYR A 234 -12.73 16.16 -10.05
N PHE A 235 -11.47 16.26 -10.44
CA PHE A 235 -10.45 16.89 -9.61
C PHE A 235 -10.13 18.31 -10.04
N THR A 236 -10.82 18.84 -11.05
CA THR A 236 -10.56 20.20 -11.52
C THR A 236 -11.23 21.21 -10.59
N GLY A 237 -11.10 22.49 -10.94
CA GLY A 237 -11.72 23.54 -10.16
C GLY A 237 -10.84 24.05 -9.06
N ASP A 238 -11.44 24.89 -8.21
CA ASP A 238 -10.74 25.55 -7.12
C ASP A 238 -11.29 25.20 -5.74
N SER A 239 -12.28 24.32 -5.65
CA SER A 239 -12.90 23.98 -4.38
C SER A 239 -12.56 22.54 -4.02
N TYR A 240 -11.72 22.39 -2.98
CA TYR A 240 -11.36 21.05 -2.52
C TYR A 240 -12.59 20.27 -2.05
N LYS A 241 -13.54 20.97 -1.41
CA LYS A 241 -14.75 20.30 -0.96
C LYS A 241 -15.56 19.77 -2.14
N THR A 242 -15.59 20.51 -3.24
CA THR A 242 -16.29 20.02 -4.41
C THR A 242 -15.62 18.78 -4.98
N ASN A 243 -14.28 18.73 -4.92
CA ASN A 243 -13.58 17.52 -5.36
C ASN A 243 -13.93 16.33 -4.46
N VAL A 244 -13.95 16.55 -3.15
CA VAL A 244 -14.31 15.49 -2.22
C VAL A 244 -15.73 15.00 -2.50
N GLU A 245 -16.65 15.94 -2.74
CA GLU A 245 -18.04 15.56 -2.97
C GLU A 245 -18.20 14.85 -4.31
N ASN A 246 -17.45 15.26 -5.34
CA ASN A 246 -17.47 14.54 -6.60
C ASN A 246 -16.95 13.12 -6.42
N CYS A 247 -15.85 12.96 -5.68
CA CYS A 247 -15.34 11.61 -5.41
C CYS A 247 -16.37 10.76 -4.71
N ILE A 248 -17.00 11.29 -3.66
CA ILE A 248 -17.98 10.52 -2.91
C ILE A 248 -19.18 10.17 -3.80
N ASN A 249 -19.66 11.14 -4.58
CA ASN A 249 -20.80 10.91 -5.46
C ASN A 249 -20.49 9.81 -6.47
N TYR A 250 -19.37 9.93 -7.18
CA TYR A 250 -19.00 8.94 -8.19
C TYR A 250 -18.83 7.57 -7.58
N LEU A 251 -18.07 7.47 -6.48
CA LEU A 251 -17.82 6.16 -5.88
C LEU A 251 -19.12 5.55 -5.36
N TYR A 252 -20.02 6.38 -4.82
CA TYR A 252 -21.25 5.85 -4.24
C TYR A 252 -22.19 5.35 -5.32
N ASN A 253 -22.29 6.07 -6.44
CA ASN A 253 -23.25 5.69 -7.47
C ASN A 253 -22.66 4.79 -8.55
N GLN A 254 -21.37 4.45 -8.48
CA GLN A 254 -20.77 3.55 -9.45
C GLN A 254 -20.30 2.23 -8.85
N ILE A 255 -20.32 2.09 -7.52
CA ILE A 255 -19.68 0.94 -6.89
C ILE A 255 -20.50 -0.34 -7.06
N ASP A 256 -21.83 -0.23 -7.14
CA ASP A 256 -22.66 -1.43 -7.23
C ASP A 256 -22.36 -2.21 -8.50
N SER A 257 -22.32 -1.54 -9.64
CA SER A 257 -22.03 -2.18 -10.92
C SER A 257 -20.54 -2.28 -11.21
N SER A 258 -19.69 -1.84 -10.28
CA SER A 258 -18.27 -1.71 -10.56
C SER A 258 -17.56 -3.05 -10.59
N ASP A 259 -16.45 -3.09 -11.32
CA ASP A 259 -15.51 -4.21 -11.35
C ASP A 259 -14.11 -3.60 -11.28
N TRP A 260 -13.81 -2.97 -10.15
CA TRP A 260 -12.64 -2.12 -9.99
C TRP A 260 -11.41 -2.93 -9.59
N THR A 261 -10.25 -2.30 -9.75
CA THR A 261 -8.97 -2.87 -9.35
C THR A 261 -8.29 -1.93 -8.35
N GLU A 262 -7.23 -2.43 -7.73
CA GLU A 262 -6.38 -1.58 -6.91
C GLU A 262 -5.66 -0.56 -7.79
N ILE A 263 -4.93 0.35 -7.14
CA ILE A 263 -4.24 1.41 -7.88
C ILE A 263 -3.22 0.86 -8.86
N ASN A 264 -2.73 -0.36 -8.65
CA ASN A 264 -1.83 -1.01 -9.60
C ASN A 264 -2.55 -1.47 -10.87
N GLU A 265 -3.88 -1.44 -10.89
CA GLU A 265 -4.69 -1.89 -12.03
C GLU A 265 -4.42 -3.35 -12.38
N ILE A 266 -4.11 -4.17 -11.37
CA ILE A 266 -3.81 -5.58 -11.56
C ILE A 266 -4.70 -6.43 -10.65
N LYS A 267 -4.62 -6.20 -9.35
CA LYS A 267 -5.43 -6.92 -8.39
C LYS A 267 -6.81 -6.31 -8.28
N TYR A 268 -7.83 -7.15 -8.21
CA TYR A 268 -9.20 -6.66 -8.04
C TYR A 268 -9.36 -6.01 -6.67
N LEU A 269 -10.13 -4.91 -6.64
CA LEU A 269 -10.30 -4.18 -5.39
C LEU A 269 -11.21 -4.90 -4.42
N PHE A 270 -12.21 -5.62 -4.92
CA PHE A 270 -13.10 -6.39 -4.07
C PHE A 270 -13.06 -7.86 -4.46
N GLY A 271 -13.17 -8.73 -3.47
CA GLY A 271 -13.18 -10.15 -3.72
C GLY A 271 -12.87 -10.93 -2.45
N SER A 272 -12.70 -12.24 -2.64
CA SER A 272 -12.40 -13.13 -1.52
C SER A 272 -11.02 -12.85 -0.93
N HIS A 273 -10.10 -12.30 -1.73
CA HIS A 273 -8.77 -11.99 -1.27
C HIS A 273 -8.69 -10.72 -0.45
N GLN A 274 -9.75 -9.92 -0.41
CA GLN A 274 -9.79 -8.67 0.33
C GLN A 274 -10.65 -8.83 1.57
N MET A 275 -10.25 -8.14 2.65
CA MET A 275 -10.98 -8.16 3.90
C MET A 275 -12.08 -7.12 3.97
N TRP A 276 -12.26 -6.32 2.91
CA TRP A 276 -13.31 -5.33 2.83
C TRP A 276 -14.32 -5.73 1.74
N ASN A 277 -15.48 -5.08 1.77
CA ASN A 277 -16.52 -5.31 0.78
C ASN A 277 -17.14 -3.98 0.41
N LYS A 278 -17.86 -3.97 -0.71
CA LYS A 278 -18.41 -2.70 -1.21
C LYS A 278 -19.58 -2.20 -0.37
N THR A 279 -20.21 -3.05 0.44
CA THR A 279 -21.24 -2.56 1.36
C THR A 279 -20.63 -1.64 2.41
N GLN A 280 -19.51 -2.05 3.00
CA GLN A 280 -18.82 -1.19 3.96
C GLN A 280 -18.40 0.13 3.32
N VAL A 281 -17.92 0.07 2.08
CA VAL A 281 -17.50 1.29 1.39
C VAL A 281 -18.69 2.21 1.14
N LYS A 282 -19.81 1.64 0.71
CA LYS A 282 -21.00 2.47 0.45
C LYS A 282 -21.52 3.10 1.73
N GLU A 283 -21.51 2.35 2.83
CA GLU A 283 -21.94 2.91 4.12
C GLU A 283 -21.03 4.04 4.56
N PHE A 284 -19.71 3.85 4.44
CA PHE A 284 -18.78 4.92 4.82
C PHE A 284 -18.97 6.14 3.94
N LEU A 285 -19.20 5.95 2.63
CA LEU A 285 -19.40 7.08 1.74
C LEU A 285 -20.66 7.86 2.10
N LEU A 286 -21.75 7.14 2.39
CA LEU A 286 -22.97 7.82 2.84
C LEU A 286 -22.69 8.62 4.13
N THR A 287 -21.95 8.03 5.07
CA THR A 287 -21.66 8.71 6.32
C THR A 287 -20.85 9.98 6.09
N ALA A 288 -19.82 9.89 5.25
CA ALA A 288 -18.97 11.06 4.98
C ALA A 288 -19.78 12.16 4.29
N TRP A 289 -20.57 11.77 3.28
CA TRP A 289 -21.43 12.74 2.60
C TRP A 289 -22.34 13.46 3.59
N SER A 290 -23.05 12.69 4.43
CA SER A 290 -23.92 13.30 5.43
C SER A 290 -23.14 14.22 6.36
N TYR A 291 -21.91 13.83 6.69
CA TYR A 291 -21.15 14.59 7.68
C TYR A 291 -20.71 15.94 7.14
N ILE A 292 -20.45 16.05 5.83
CA ILE A 292 -19.88 17.28 5.31
C ILE A 292 -20.92 18.20 4.69
N GLN A 293 -22.21 17.88 4.78
CA GLN A 293 -23.20 18.74 4.15
C GLN A 293 -23.48 19.99 4.99
N LYS A 294 -24.11 20.97 4.35
CA LYS A 294 -24.40 22.26 4.95
C LYS A 294 -25.86 22.34 5.39
N ASN A 295 -26.13 23.19 6.37
CA ASN A 295 -27.48 23.52 6.83
C ASN A 295 -28.23 22.26 7.30
N LEU A 296 -27.62 21.55 8.27
CA LEU A 296 -28.07 20.21 8.62
C LEU A 296 -28.65 20.08 10.02
N GLU A 297 -28.86 21.18 10.74
CA GLU A 297 -29.38 21.13 12.11
C GLU A 297 -28.48 20.32 13.04
S SO4 B . -0.93 6.96 7.11
O1 SO4 B . 0.04 7.80 7.79
O2 SO4 B . -1.81 6.33 8.08
O3 SO4 B . -0.23 5.92 6.36
O4 SO4 B . -1.71 7.78 6.19
S SO4 C . -18.23 24.91 3.18
O1 SO4 C . -18.55 26.17 3.84
O2 SO4 C . -18.56 23.80 4.05
O3 SO4 C . -18.99 24.81 1.94
O4 SO4 C . -16.80 24.89 2.86
S SO4 D . 4.10 13.01 -6.77
O1 SO4 D . 3.44 14.19 -6.22
O2 SO4 D . 4.68 12.24 -5.68
O3 SO4 D . 3.14 12.20 -7.50
O4 SO4 D . 5.17 13.44 -7.68
S SO4 E . 1.44 -8.79 10.12
O1 SO4 E . 0.62 -7.62 9.80
O2 SO4 E . 1.76 -8.79 11.55
O3 SO4 E . 0.70 -10.00 9.79
O4 SO4 E . 2.67 -8.75 9.33
S SO4 F . -17.65 -7.81 -2.34
O1 SO4 F . -18.14 -6.55 -1.79
O2 SO4 F . -18.29 -8.93 -1.65
O3 SO4 F . -17.96 -7.85 -3.77
O4 SO4 F . -16.20 -7.88 -2.15
S SO4 G . -23.64 9.80 -10.91
O1 SO4 G . -23.81 11.25 -10.74
O2 SO4 G . -22.72 9.31 -9.90
O3 SO4 G . -24.94 9.15 -10.75
O4 SO4 G . -23.10 9.52 -12.23
S SO4 H . -23.67 25.00 8.82
O1 SO4 H . -24.50 25.62 9.86
O2 SO4 H . -22.31 25.50 8.91
O3 SO4 H . -24.23 25.33 7.51
O4 SO4 H . -23.67 23.55 9.00
#